data_9M86
#
_entry.id   9M86
#
_cell.length_a   44.135
_cell.length_b   47.136
_cell.length_c   61.831
_cell.angle_alpha   87.53
_cell.angle_beta   88.35
_cell.angle_gamma   62.87
#
_symmetry.space_group_name_H-M   'P 1'
#
loop_
_entity.id
_entity.type
_entity.pdbx_description
1 polymer 'U6 small nuclear RNA (adenine-(43)-N(6))-methyltransferase'
2 polymer 'RNA (31-MER)'
#
loop_
_entity_poly.entity_id
_entity_poly.type
_entity_poly.pdbx_seq_one_letter_code
_entity_poly.pdbx_strand_id
1 'polypeptide(L)'
;(MSE)RPHNELIRPSSTSLSKYFPHKVLQNWTLDPELCAQIDDILQKFLDDNKIPWSKKGSVLEISTKSITWSRKARRIS
KSQTSVSSLEGQ(MSE)KCELNVIDNQLQCKWIEGYDYNVYESFCSALARALRDNKK
;
A,C
2 'polyribonucleotide' AGCAUGGCCCCUGCACAAGGAUGACACUGCG B,D
#
# COMPACT_ATOMS: atom_id res chain seq x y z
N SER A 12 16.70 12.75 41.14
CA SER A 12 16.17 11.77 40.19
C SER A 12 14.69 11.54 40.43
N THR A 13 13.97 12.63 40.73
CA THR A 13 12.56 12.56 41.04
C THR A 13 11.77 11.98 39.87
N SER A 14 10.70 11.28 40.18
CA SER A 14 9.73 10.86 39.16
C SER A 14 8.32 11.14 39.68
N LEU A 15 7.89 12.40 39.55
CA LEU A 15 6.51 12.79 39.78
C LEU A 15 5.70 12.79 38.51
N SER A 16 6.36 12.48 37.40
CA SER A 16 5.73 12.36 36.06
C SER A 16 6.06 10.98 35.51
N LYS A 17 5.89 9.93 36.30
CA LYS A 17 6.34 8.62 35.87
C LYS A 17 5.51 8.05 34.73
N TYR A 18 4.39 8.67 34.37
CA TYR A 18 3.64 8.23 33.20
C TYR A 18 3.09 9.39 32.39
N PHE A 19 3.42 10.64 32.75
CA PHE A 19 2.96 11.79 31.99
C PHE A 19 3.58 11.75 30.60
N PRO A 20 2.91 12.34 29.61
CA PRO A 20 3.53 12.47 28.28
C PRO A 20 4.77 13.35 28.39
N HIS A 21 5.89 12.84 27.90
CA HIS A 21 7.15 13.57 27.97
C HIS A 21 7.57 14.16 26.64
N LYS A 22 6.80 13.93 25.57
CA LYS A 22 7.07 14.52 24.26
C LYS A 22 6.00 15.57 23.98
N VAL A 23 6.41 16.83 23.93
CA VAL A 23 5.49 17.94 23.73
C VAL A 23 5.86 18.80 22.52
N LEU A 24 7.03 18.62 21.93
CA LEU A 24 7.43 19.30 20.70
C LEU A 24 7.64 18.25 19.63
N GLN A 25 6.82 18.28 18.59
CA GLN A 25 7.00 17.40 17.44
C GLN A 25 7.68 18.19 16.33
N ASN A 26 8.64 17.55 15.67
CA ASN A 26 9.43 18.21 14.64
C ASN A 26 9.46 17.35 13.37
N TRP A 27 9.44 18.01 12.23
CA TRP A 27 9.54 17.34 10.93
C TRP A 27 10.50 18.11 10.05
N THR A 28 11.51 17.42 9.54
CA THR A 28 12.46 18.03 8.61
C THR A 28 11.78 18.29 7.26
N LEU A 29 12.17 19.36 6.60
CA LEU A 29 11.51 19.81 5.38
C LEU A 29 12.54 20.08 4.29
N ASP A 30 12.36 19.46 3.14
CA ASP A 30 13.20 19.74 1.97
C ASP A 30 12.75 21.03 1.31
N PRO A 31 13.50 21.53 0.31
CA PRO A 31 13.09 22.77 -0.36
C PRO A 31 11.65 22.79 -0.85
N GLU A 32 11.19 21.73 -1.50
CA GLU A 32 9.84 21.74 -2.07
C GLU A 32 8.77 21.66 -0.97
N LEU A 33 9.09 21.02 0.16
CA LEU A 33 8.22 21.13 1.32
C LEU A 33 8.22 22.54 1.88
N CYS A 34 9.42 23.11 2.11
CA CYS A 34 9.53 24.47 2.61
C CYS A 34 8.75 25.45 1.75
N ALA A 35 8.62 25.16 0.45
CA ALA A 35 7.93 26.07 -0.45
C ALA A 35 6.42 25.87 -0.45
N GLN A 36 5.93 24.65 -0.23
CA GLN A 36 4.51 24.37 -0.25
C GLN A 36 3.91 24.20 1.14
N ILE A 37 4.67 24.52 2.19
CA ILE A 37 4.18 24.26 3.55
C ILE A 37 2.90 25.03 3.81
N ASP A 38 2.79 26.23 3.27
CA ASP A 38 1.62 27.10 3.56
C ASP A 38 0.33 26.58 2.92
N ASP A 39 0.37 26.16 1.67
CA ASP A 39 -0.84 25.64 1.06
C ASP A 39 -1.22 24.29 1.64
N ILE A 40 -0.23 23.46 1.95
CA ILE A 40 -0.48 22.19 2.62
C ILE A 40 -1.17 22.41 3.95
N LEU A 41 -0.63 23.34 4.76
CA LEU A 41 -1.19 23.62 6.07
C LEU A 41 -2.61 24.15 5.98
N GLN A 42 -2.84 25.13 5.10
CA GLN A 42 -4.18 25.68 4.98
C GLN A 42 -5.16 24.61 4.54
N LYS A 43 -4.80 23.81 3.55
CA LYS A 43 -5.69 22.73 3.12
C LYS A 43 -6.01 21.80 4.28
N PHE A 44 -4.98 21.33 4.98
CA PHE A 44 -5.20 20.41 6.09
C PHE A 44 -6.13 21.01 7.13
N LEU A 45 -5.88 22.26 7.51
CA LEU A 45 -6.63 22.85 8.62
C LEU A 45 -8.07 23.14 8.23
N ASP A 46 -8.29 23.62 7.00
CA ASP A 46 -9.63 24.02 6.57
C ASP A 46 -10.45 22.85 6.04
N ASP A 47 -9.82 21.80 5.51
CA ASP A 47 -10.53 20.60 5.09
C ASP A 47 -10.95 19.73 6.27
N ASN A 48 -10.49 20.04 7.48
CA ASN A 48 -10.95 19.35 8.69
C ASN A 48 -11.56 20.31 9.68
N LYS A 49 -11.86 21.54 9.25
CA LYS A 49 -12.62 22.50 10.03
C LYS A 49 -11.94 22.75 11.39
N ILE A 50 -10.64 22.97 11.34
CA ILE A 50 -9.83 23.07 12.54
C ILE A 50 -9.64 24.56 12.87
N PRO A 51 -10.03 25.01 14.06
CA PRO A 51 -9.92 26.44 14.41
C PRO A 51 -8.47 26.86 14.60
N TRP A 52 -8.09 27.96 13.95
CA TRP A 52 -6.72 28.41 14.02
C TRP A 52 -6.63 29.90 13.74
N SER A 53 -5.57 30.51 14.25
CA SER A 53 -5.35 31.93 14.02
C SER A 53 -3.86 32.22 14.04
N LYS A 54 -3.48 33.35 13.45
CA LYS A 54 -2.09 33.76 13.39
C LYS A 54 -1.73 34.54 14.65
N LYS A 55 -0.71 34.09 15.37
CA LYS A 55 -0.21 34.81 16.53
C LYS A 55 1.21 35.34 16.27
N GLY A 56 1.43 35.90 15.09
CA GLY A 56 2.73 36.44 14.75
C GLY A 56 3.44 35.59 13.73
N SER A 57 4.60 35.06 14.09
CA SER A 57 5.34 34.12 13.27
C SER A 57 4.95 32.69 13.56
N VAL A 58 3.77 32.49 14.15
CA VAL A 58 3.36 31.23 14.76
C VAL A 58 1.86 31.08 14.54
N LEU A 59 1.42 29.85 14.36
CA LEU A 59 0.00 29.53 14.25
C LEU A 59 -0.48 28.95 15.56
N GLU A 60 -1.65 29.37 16.02
CA GLU A 60 -2.31 28.73 17.14
C GLU A 60 -3.49 27.90 16.63
N ILE A 61 -3.57 26.65 17.09
CA ILE A 61 -4.68 25.76 16.85
C ILE A 61 -5.35 25.51 18.19
N SER A 62 -6.65 25.82 18.28
CA SER A 62 -7.43 25.52 19.47
C SER A 62 -8.63 24.67 19.06
N THR A 63 -8.59 23.40 19.42
CA THR A 63 -9.65 22.47 19.08
C THR A 63 -10.45 22.13 20.33
N LYS A 64 -11.76 21.97 20.16
CA LYS A 64 -12.62 21.50 21.23
C LYS A 64 -12.96 20.03 21.10
N SER A 65 -12.76 19.45 19.92
CA SER A 65 -13.06 18.05 19.66
C SER A 65 -12.24 17.58 18.46
N ILE A 66 -11.96 16.29 18.40
CA ILE A 66 -11.27 15.74 17.24
C ILE A 66 -12.22 15.73 16.06
N THR A 67 -11.78 16.33 14.96
CA THR A 67 -12.61 16.46 13.77
C THR A 67 -11.97 15.84 12.53
N TRP A 68 -10.75 15.33 12.65
CA TRP A 68 -9.99 14.81 11.53
C TRP A 68 -9.88 13.29 11.54
N SER A 69 -10.25 12.65 12.65
CA SER A 69 -10.09 11.21 12.79
C SER A 69 -11.10 10.46 11.91
N ARG A 70 -10.73 9.24 11.51
CA ARG A 70 -11.71 8.38 10.88
C ARG A 70 -12.87 8.12 11.82
N LYS A 71 -12.57 7.89 13.10
CA LYS A 71 -13.61 7.75 14.10
C LYS A 71 -14.50 8.99 14.12
N ALA A 72 -13.91 10.18 13.98
CA ALA A 72 -14.71 11.40 13.97
C ALA A 72 -15.58 11.46 12.74
N ARG A 73 -15.07 11.01 11.60
CA ARG A 73 -15.89 10.98 10.39
C ARG A 73 -17.04 9.99 10.52
N ARG A 74 -16.78 8.82 11.11
CA ARG A 74 -17.84 7.85 11.35
C ARG A 74 -18.90 8.43 12.29
N ILE A 75 -18.47 9.15 13.33
CA ILE A 75 -19.42 9.71 14.30
C ILE A 75 -20.27 10.81 13.66
N SER A 76 -19.67 11.61 12.77
CA SER A 76 -20.39 12.75 12.22
C SER A 76 -21.29 12.34 11.05
N LYS A 77 -20.73 11.62 10.07
CA LYS A 77 -21.52 11.17 8.94
C LYS A 77 -22.64 10.24 9.35
N SER A 78 -22.55 9.65 10.54
CA SER A 78 -23.61 8.81 11.08
C SER A 78 -24.42 9.59 12.10
N GLN A 79 -25.72 9.37 12.10
CA GLN A 79 -26.62 9.97 13.08
C GLN A 79 -26.46 9.20 14.40
N THR A 80 -25.57 9.68 15.25
CA THR A 80 -25.34 9.09 16.56
C THR A 80 -26.06 9.90 17.65
N SER A 81 -26.35 9.22 18.76
CA SER A 81 -27.03 9.89 19.87
C SER A 81 -26.19 11.03 20.43
N VAL A 82 -24.87 10.84 20.48
CA VAL A 82 -23.92 11.90 20.78
C VAL A 82 -23.11 12.16 19.52
N SER A 83 -23.20 13.38 19.00
CA SER A 83 -22.57 13.75 17.73
C SER A 83 -21.24 14.46 17.92
N SER A 84 -20.48 14.09 18.95
CA SER A 84 -19.21 14.75 19.23
C SER A 84 -18.27 13.79 19.97
N LEU A 85 -16.99 13.85 19.63
CA LEU A 85 -15.91 13.23 20.39
C LEU A 85 -15.04 14.37 20.90
N GLU A 86 -15.33 14.85 22.10
CA GLU A 86 -14.77 16.08 22.61
C GLU A 86 -13.33 15.83 23.09
N GLY A 87 -12.78 16.81 23.79
CA GLY A 87 -11.37 16.83 24.12
C GLY A 87 -10.72 18.08 23.55
N GLN A 88 -10.28 18.97 24.42
CA GLN A 88 -9.82 20.29 24.03
C GLN A 88 -8.29 20.36 24.09
N LYS A 90 -4.71 22.95 22.68
CA LYS A 90 -4.07 24.06 21.98
C LYS A 90 -2.65 23.69 21.60
N CYS A 91 -2.20 24.21 20.46
CA CYS A 91 -0.85 23.90 20.01
C CYS A 91 -0.38 24.96 19.02
N GLU A 92 0.94 25.12 18.95
CA GLU A 92 1.58 26.15 18.15
C GLU A 92 2.34 25.51 17.00
N LEU A 93 2.10 26.01 15.79
CA LEU A 93 2.83 25.59 14.60
C LEU A 93 3.86 26.66 14.23
N ASN A 94 5.06 26.19 13.90
CA ASN A 94 6.17 27.08 13.60
C ASN A 94 7.06 26.45 12.55
N VAL A 95 7.89 27.28 11.93
CA VAL A 95 8.94 26.77 11.05
C VAL A 95 10.26 27.42 11.43
N ILE A 96 11.15 26.65 12.03
CA ILE A 96 12.49 27.12 12.37
C ILE A 96 13.51 26.08 11.94
N ASP A 97 14.60 26.54 11.34
CA ASP A 97 15.71 25.67 10.95
C ASP A 97 15.25 24.61 9.97
N ASN A 98 14.46 25.02 8.98
CA ASN A 98 13.92 24.10 7.98
C ASN A 98 13.19 22.93 8.63
N GLN A 99 12.58 23.18 9.78
CA GLN A 99 11.81 22.17 10.48
C GLN A 99 10.45 22.72 10.86
N LEU A 100 9.41 21.94 10.59
CA LEU A 100 8.06 22.25 11.02
C LEU A 100 7.86 21.72 12.44
N GLN A 101 7.52 22.61 13.36
CA GLN A 101 7.36 22.28 14.76
C GLN A 101 5.92 22.45 15.19
N CYS A 102 5.41 21.48 15.94
CA CYS A 102 4.13 21.59 16.62
C CYS A 102 4.38 21.40 18.11
N LYS A 103 4.13 22.46 18.88
CA LYS A 103 4.29 22.41 20.32
C LYS A 103 2.91 22.35 20.96
N TRP A 104 2.74 21.40 21.88
CA TRP A 104 1.50 21.28 22.63
C TRP A 104 1.52 22.29 23.75
N ILE A 105 0.60 23.27 23.73
CA ILE A 105 0.65 24.36 24.70
C ILE A 105 -0.49 24.34 25.72
N GLU A 106 -1.60 23.65 25.46
CA GLU A 106 -2.69 23.59 26.43
C GLU A 106 -3.47 22.29 26.25
N GLY A 107 -3.92 21.72 27.36
CA GLY A 107 -4.73 20.52 27.36
C GLY A 107 -4.26 19.50 28.39
N TYR A 108 -5.14 18.54 28.69
CA TYR A 108 -4.80 17.43 29.58
C TYR A 108 -4.77 16.08 28.87
N ASP A 109 -5.44 15.97 27.72
CA ASP A 109 -5.45 14.72 26.96
C ASP A 109 -4.36 14.80 25.91
N TYR A 110 -3.32 13.98 26.07
CA TYR A 110 -2.24 13.90 25.09
C TYR A 110 -2.67 13.23 23.81
N ASN A 111 -3.70 12.38 23.87
CA ASN A 111 -4.07 11.58 22.72
C ASN A 111 -4.65 12.44 21.60
N VAL A 112 -5.32 13.54 21.94
CA VAL A 112 -5.81 14.43 20.90
C VAL A 112 -4.64 15.13 20.22
N TYR A 113 -3.64 15.56 20.99
CA TYR A 113 -2.49 16.24 20.40
C TYR A 113 -1.67 15.28 19.54
N GLU A 114 -1.43 14.06 20.02
CA GLU A 114 -0.70 13.12 19.17
C GLU A 114 -1.51 12.71 17.96
N SER A 115 -2.84 12.63 18.08
CA SER A 115 -3.69 12.34 16.94
C SER A 115 -3.58 13.44 15.88
N PHE A 116 -3.61 14.69 16.31
CA PHE A 116 -3.39 15.81 15.41
C PHE A 116 -2.01 15.74 14.76
N CYS A 117 -0.99 15.35 15.53
CA CYS A 117 0.35 15.28 14.96
C CYS A 117 0.44 14.18 13.90
N SER A 118 -0.16 13.03 14.17
CA SER A 118 -0.15 11.93 13.21
C SER A 118 -0.86 12.32 11.91
N ALA A 119 -2.01 12.99 12.03
CA ALA A 119 -2.73 13.42 10.83
C ALA A 119 -1.95 14.48 10.06
N LEU A 120 -1.30 15.41 10.77
CA LEU A 120 -0.48 16.40 10.10
C LEU A 120 0.68 15.74 9.37
N ALA A 121 1.35 14.79 10.02
CA ALA A 121 2.43 14.07 9.35
C ALA A 121 1.93 13.38 8.09
N ARG A 122 0.75 12.74 8.17
CA ARG A 122 0.18 12.11 6.97
C ARG A 122 -0.04 13.15 5.87
N ALA A 123 -0.57 14.32 6.23
CA ALA A 123 -0.77 15.38 5.26
C ALA A 123 0.54 15.75 4.58
N LEU A 124 1.62 15.82 5.36
CA LEU A 124 2.91 16.21 4.81
C LEU A 124 3.44 15.15 3.85
N ARG A 125 3.19 13.88 4.14
CA ARG A 125 3.63 12.84 3.21
C ARG A 125 2.73 12.76 1.97
N ASP A 126 1.46 13.13 2.09
CA ASP A 126 0.55 13.00 0.95
C ASP A 126 0.71 14.16 -0.01
N ASN A 127 0.49 15.39 0.45
CA ASN A 127 0.51 16.52 -0.46
C ASN A 127 1.90 16.82 -1.01
N LYS A 128 2.93 16.07 -0.61
CA LYS A 128 4.26 16.24 -1.18
C LYS A 128 4.62 15.16 -2.19
N LYS A 129 3.97 14.01 -2.16
CA LYS A 129 4.23 12.94 -3.12
C LYS A 129 3.06 12.75 -4.08
N SER C 12 -24.01 -10.85 -0.05
CA SER C 12 -24.23 -10.79 1.39
C SER C 12 -22.92 -10.85 2.16
N THR C 13 -22.51 -12.05 2.57
CA THR C 13 -21.32 -12.24 3.41
C THR C 13 -20.09 -11.68 2.72
N SER C 14 -19.50 -10.63 3.28
CA SER C 14 -18.25 -10.08 2.76
C SER C 14 -17.07 -10.55 3.61
N LEU C 15 -16.89 -11.88 3.69
CA LEU C 15 -15.77 -12.42 4.47
C LEU C 15 -14.48 -12.52 3.66
N SER C 16 -14.58 -12.51 2.34
CA SER C 16 -13.43 -12.41 1.45
C SER C 16 -13.53 -11.13 0.64
N LYS C 17 -13.96 -10.05 1.30
CA LYS C 17 -14.22 -8.79 0.59
C LYS C 17 -12.96 -8.25 -0.08
N TYR C 18 -11.79 -8.57 0.46
CA TYR C 18 -10.51 -8.12 -0.07
C TYR C 18 -9.53 -9.28 -0.17
N PHE C 19 -10.01 -10.38 -0.73
CA PHE C 19 -9.19 -11.52 -1.09
C PHE C 19 -9.15 -11.64 -2.61
N PRO C 20 -8.18 -12.38 -3.16
CA PRO C 20 -8.17 -12.59 -4.61
C PRO C 20 -9.37 -13.39 -5.08
N HIS C 21 -9.94 -12.98 -6.22
CA HIS C 21 -11.08 -13.66 -6.81
C HIS C 21 -10.84 -14.17 -8.23
N LYS C 22 -9.92 -13.57 -8.97
CA LYS C 22 -9.48 -14.15 -10.23
C LYS C 22 -8.60 -15.34 -9.92
N VAL C 23 -9.19 -16.55 -9.88
CA VAL C 23 -8.43 -17.76 -9.61
C VAL C 23 -8.19 -18.59 -10.87
N LEU C 24 -8.81 -18.23 -11.99
CA LEU C 24 -8.68 -18.98 -13.24
C LEU C 24 -8.50 -17.98 -14.38
N GLN C 25 -7.40 -18.10 -15.10
CA GLN C 25 -7.17 -17.30 -16.29
C GLN C 25 -7.35 -18.13 -17.54
N ASN C 26 -7.94 -17.54 -18.56
CA ASN C 26 -8.23 -18.26 -19.79
C ASN C 26 -7.81 -17.41 -20.98
N TRP C 27 -7.39 -18.09 -22.03
CA TRP C 27 -7.01 -17.41 -23.26
C TRP C 27 -7.54 -18.24 -24.43
N THR C 28 -8.23 -17.57 -25.34
CA THR C 28 -8.76 -18.24 -26.52
C THR C 28 -7.62 -18.61 -27.46
N LEU C 29 -7.56 -19.87 -27.84
CA LEU C 29 -6.57 -20.37 -28.76
C LEU C 29 -7.17 -20.48 -30.16
N ASP C 30 -6.58 -19.77 -31.10
CA ASP C 30 -6.90 -19.93 -32.51
C ASP C 30 -6.15 -21.13 -33.04
N PRO C 31 -6.39 -21.54 -34.30
CA PRO C 31 -5.74 -22.75 -34.83
C PRO C 31 -4.22 -22.80 -34.70
N GLU C 32 -3.50 -21.77 -35.17
CA GLU C 32 -2.04 -21.80 -35.12
C GLU C 32 -1.49 -21.80 -33.70
N LEU C 33 -2.27 -21.35 -32.70
CA LEU C 33 -1.83 -21.53 -31.32
C LEU C 33 -2.09 -22.93 -30.82
N CYS C 34 -3.26 -23.51 -31.13
CA CYS C 34 -3.52 -24.89 -30.70
C CYS C 34 -2.44 -25.82 -31.22
N ALA C 35 -1.93 -25.57 -32.42
CA ALA C 35 -0.87 -26.39 -33.00
C ALA C 35 0.49 -26.11 -32.39
N GLN C 36 0.72 -24.90 -31.88
CA GLN C 36 2.01 -24.51 -31.36
C GLN C 36 2.06 -24.41 -29.84
N ILE C 37 0.98 -24.75 -29.14
CA ILE C 37 0.90 -24.47 -27.70
C ILE C 37 1.98 -25.23 -26.93
N ASP C 38 2.32 -26.44 -27.35
CA ASP C 38 3.31 -27.23 -26.63
C ASP C 38 4.72 -26.65 -26.76
N ASP C 39 5.12 -26.29 -27.98
CA ASP C 39 6.46 -25.74 -28.18
C ASP C 39 6.63 -24.43 -27.43
N ILE C 40 5.60 -23.58 -27.49
CA ILE C 40 5.62 -22.31 -26.77
C ILE C 40 5.72 -22.57 -25.27
N LEU C 41 4.90 -23.48 -24.75
CA LEU C 41 4.89 -23.75 -23.33
C LEU C 41 6.21 -24.31 -22.85
N GLN C 42 6.77 -25.27 -23.58
CA GLN C 42 8.06 -25.84 -23.22
C GLN C 42 9.15 -24.79 -23.23
N LYS C 43 9.16 -23.91 -24.24
CA LYS C 43 10.15 -22.84 -24.28
C LYS C 43 10.01 -21.89 -23.09
N PHE C 44 8.78 -21.40 -22.86
CA PHE C 44 8.57 -20.47 -21.75
C PHE C 44 8.94 -21.09 -20.42
N LEU C 45 8.56 -22.34 -20.20
CA LEU C 45 8.83 -22.98 -18.92
C LEU C 45 10.33 -23.16 -18.73
N ASP C 46 11.01 -23.71 -19.74
CA ASP C 46 12.40 -24.11 -19.53
C ASP C 46 13.35 -22.92 -19.59
N ASP C 47 13.02 -21.88 -20.36
CA ASP C 47 13.86 -20.68 -20.42
C ASP C 47 13.79 -19.84 -19.15
N ASN C 48 12.72 -19.95 -18.39
CA ASN C 48 12.61 -19.28 -17.10
C ASN C 48 12.81 -20.23 -15.94
N LYS C 49 13.30 -21.44 -16.21
CA LYS C 49 13.55 -22.48 -15.23
C LYS C 49 12.40 -22.59 -14.22
N ILE C 50 11.22 -22.89 -14.75
CA ILE C 50 10.02 -23.01 -13.95
C ILE C 50 9.77 -24.49 -13.70
N PRO C 51 9.70 -24.93 -12.45
CA PRO C 51 9.46 -26.35 -12.17
C PRO C 51 8.08 -26.76 -12.61
N TRP C 52 7.99 -27.84 -13.38
CA TRP C 52 6.70 -28.32 -13.81
C TRP C 52 6.74 -29.83 -13.95
N SER C 53 5.57 -30.44 -13.84
CA SER C 53 5.45 -31.88 -13.98
C SER C 53 4.08 -32.21 -14.60
N LYS C 54 4.01 -33.35 -15.26
CA LYS C 54 2.79 -33.81 -15.89
C LYS C 54 1.93 -34.53 -14.88
N LYS C 55 0.64 -34.24 -14.86
CA LYS C 55 -0.26 -34.81 -13.87
C LYS C 55 -1.51 -35.38 -14.52
N GLY C 56 -1.33 -36.05 -15.65
CA GLY C 56 -2.45 -36.53 -16.42
C GLY C 56 -2.66 -35.71 -17.67
N SER C 57 -3.89 -35.25 -17.88
CA SER C 57 -4.24 -34.34 -18.96
C SER C 57 -3.98 -32.90 -18.57
N VAL C 58 -3.25 -32.69 -17.49
CA VAL C 58 -3.08 -31.40 -16.82
C VAL C 58 -1.63 -31.30 -16.36
N LEU C 59 -1.09 -30.08 -16.42
CA LEU C 59 0.26 -29.82 -15.95
C LEU C 59 0.24 -29.08 -14.61
N GLU C 60 1.13 -29.44 -13.71
CA GLU C 60 1.30 -28.70 -12.45
C GLU C 60 2.60 -27.89 -12.53
N ILE C 61 2.49 -26.59 -12.33
CA ILE C 61 3.64 -25.71 -12.19
C ILE C 61 3.77 -25.33 -10.72
N SER C 62 4.93 -25.61 -10.13
CA SER C 62 5.14 -25.41 -8.70
C SER C 62 6.40 -24.58 -8.51
N THR C 63 6.23 -23.30 -8.22
CA THR C 63 7.34 -22.37 -8.16
C THR C 63 7.63 -21.99 -6.70
N LYS C 64 8.92 -21.86 -6.40
CA LYS C 64 9.34 -21.43 -5.08
C LYS C 64 9.68 -19.95 -5.05
N SER C 65 9.78 -19.32 -6.21
CA SER C 65 10.32 -17.97 -6.36
C SER C 65 10.06 -17.50 -7.78
N ILE C 66 9.82 -16.21 -7.93
CA ILE C 66 9.59 -15.63 -9.26
C ILE C 66 10.91 -15.59 -10.01
N THR C 67 11.01 -16.38 -11.08
CA THR C 67 12.25 -16.50 -11.82
C THR C 67 12.12 -16.03 -13.26
N TRP C 68 11.01 -15.39 -13.62
CA TRP C 68 10.79 -14.94 -14.99
C TRP C 68 10.72 -13.44 -15.13
N SER C 69 10.45 -12.70 -14.06
CA SER C 69 10.20 -11.27 -14.20
C SER C 69 11.52 -10.50 -14.35
N ARG C 70 11.40 -9.30 -14.93
CA ARG C 70 12.56 -8.42 -15.09
C ARG C 70 13.23 -8.17 -13.74
N LYS C 71 12.46 -7.84 -12.72
CA LYS C 71 13.04 -7.71 -11.39
C LYS C 71 13.82 -8.95 -11.01
N ALA C 72 13.29 -10.13 -11.36
CA ALA C 72 14.00 -11.37 -11.05
C ALA C 72 15.27 -11.49 -11.88
N ARG C 73 15.25 -10.96 -13.11
CA ARG C 73 16.42 -11.06 -13.95
C ARG C 73 17.46 -10.00 -13.60
N ARG C 74 17.03 -8.82 -13.16
CA ARG C 74 17.97 -7.82 -12.67
C ARG C 74 18.63 -8.28 -11.37
N ILE C 75 17.93 -9.05 -10.54
CA ILE C 75 18.52 -9.59 -9.33
C ILE C 75 19.45 -10.75 -9.65
N SER C 76 19.02 -11.65 -10.55
CA SER C 76 19.81 -12.82 -10.91
C SER C 76 21.08 -12.42 -11.65
N LYS C 77 20.99 -11.42 -12.53
CA LYS C 77 22.11 -10.89 -13.26
C LYS C 77 22.90 -9.86 -12.47
N SER C 78 22.81 -9.90 -11.14
CA SER C 78 23.57 -9.02 -10.27
C SER C 78 24.15 -9.83 -9.11
N GLN C 79 25.30 -9.37 -8.61
CA GLN C 79 25.93 -9.97 -7.44
C GLN C 79 25.26 -9.44 -6.17
N THR C 80 23.95 -9.68 -6.08
CA THR C 80 23.15 -9.18 -4.98
C THR C 80 23.10 -10.21 -3.84
N SER C 81 23.12 -9.71 -2.61
CA SER C 81 23.01 -10.59 -1.45
C SER C 81 21.70 -11.37 -1.48
N VAL C 82 20.58 -10.66 -1.57
CA VAL C 82 19.28 -11.31 -1.70
C VAL C 82 19.19 -11.87 -3.11
N SER C 83 19.47 -13.15 -3.25
CA SER C 83 19.53 -13.80 -4.55
C SER C 83 18.19 -14.42 -4.96
N SER C 84 17.19 -14.39 -4.08
CA SER C 84 15.90 -15.03 -4.33
C SER C 84 14.77 -14.05 -4.01
N LEU C 85 13.74 -14.08 -4.85
CA LEU C 85 12.53 -13.28 -4.67
C LEU C 85 11.38 -14.19 -4.27
N GLU C 86 10.81 -13.96 -3.09
CA GLU C 86 9.93 -14.92 -2.45
C GLU C 86 8.64 -15.10 -3.26
N GLY C 87 7.77 -15.95 -2.73
CA GLY C 87 6.51 -16.27 -3.37
C GLY C 87 6.43 -17.72 -3.82
N GLN C 88 5.67 -18.51 -3.06
CA GLN C 88 5.49 -19.93 -3.34
C GLN C 88 4.11 -20.13 -3.95
N LYS C 90 1.50 -22.81 -6.64
CA LYS C 90 1.19 -23.96 -7.49
C LYS C 90 -0.03 -23.65 -8.37
N CYS C 91 0.08 -23.95 -9.67
CA CYS C 91 -1.06 -23.78 -10.55
C CYS C 91 -1.14 -24.93 -11.55
N GLU C 92 -2.35 -25.15 -12.09
CA GLU C 92 -2.63 -26.22 -13.04
C GLU C 92 -2.93 -25.64 -14.41
N LEU C 93 -2.28 -26.16 -15.44
CA LEU C 93 -2.45 -25.73 -16.82
C LEU C 93 -3.19 -26.80 -17.62
N ASN C 94 -4.19 -26.35 -18.39
CA ASN C 94 -5.03 -27.25 -19.15
C ASN C 94 -5.44 -26.60 -20.47
N VAL C 95 -5.81 -27.41 -21.45
CA VAL C 95 -6.33 -26.89 -22.71
C VAL C 95 -7.63 -27.62 -23.02
N ILE C 96 -8.76 -26.95 -22.80
CA ILE C 96 -10.07 -27.48 -23.14
C ILE C 96 -10.85 -26.38 -23.85
N ASP C 97 -11.67 -26.78 -24.81
CA ASP C 97 -12.51 -25.86 -25.56
C ASP C 97 -11.69 -24.76 -26.21
N ASN C 98 -10.57 -25.14 -26.81
CA ASN C 98 -9.69 -24.20 -27.51
C ASN C 98 -9.32 -23.01 -26.62
N GLN C 99 -9.05 -23.30 -25.35
CA GLN C 99 -8.67 -22.29 -24.38
C GLN C 99 -7.56 -22.82 -23.50
N LEU C 100 -6.51 -22.02 -23.33
CA LEU C 100 -5.47 -22.34 -22.36
C LEU C 100 -5.93 -21.81 -21.01
N GLN C 101 -6.00 -22.69 -20.01
CA GLN C 101 -6.54 -22.37 -18.70
C GLN C 101 -5.47 -22.53 -17.65
N CYS C 102 -5.39 -21.55 -16.76
CA CYS C 102 -4.41 -21.53 -15.68
C CYS C 102 -5.15 -21.34 -14.35
N LYS C 103 -5.13 -22.37 -13.53
CA LYS C 103 -5.89 -22.42 -12.28
C LYS C 103 -4.92 -22.37 -11.10
N TRP C 104 -5.05 -21.31 -10.30
CA TRP C 104 -4.23 -21.11 -9.10
C TRP C 104 -4.68 -22.08 -8.01
N ILE C 105 -3.92 -23.17 -7.78
CA ILE C 105 -4.37 -24.23 -6.89
C ILE C 105 -3.76 -24.18 -5.48
N GLU C 106 -2.64 -23.51 -5.29
CA GLU C 106 -2.05 -23.43 -3.96
C GLU C 106 -1.23 -22.16 -3.84
N GLY C 107 -1.23 -21.57 -2.65
CA GLY C 107 -0.33 -20.48 -2.33
C GLY C 107 -1.05 -19.35 -1.63
N TYR C 108 -0.26 -18.47 -1.00
CA TYR C 108 -0.80 -17.33 -0.27
C TYR C 108 -0.61 -16.01 -1.01
N ASP C 109 0.42 -15.88 -1.82
CA ASP C 109 0.67 -14.65 -2.55
C ASP C 109 0.03 -14.71 -3.93
N TYR C 110 -0.86 -13.77 -4.20
CA TYR C 110 -1.52 -13.66 -5.49
C TYR C 110 -0.58 -13.08 -6.55
N ASN C 111 0.30 -12.14 -6.16
CA ASN C 111 1.12 -11.43 -7.13
C ASN C 111 2.01 -12.39 -7.91
N VAL C 112 2.37 -13.52 -7.33
CA VAL C 112 3.15 -14.51 -8.05
C VAL C 112 2.30 -15.16 -9.13
N TYR C 113 1.03 -15.46 -8.82
CA TYR C 113 0.14 -16.04 -9.82
C TYR C 113 -0.13 -15.05 -10.95
N GLU C 114 -0.49 -13.82 -10.59
CA GLU C 114 -0.72 -12.80 -11.61
C GLU C 114 0.52 -12.58 -12.45
N SER C 115 1.70 -12.60 -11.82
CA SER C 115 2.95 -12.39 -12.53
C SER C 115 3.17 -13.48 -13.57
N PHE C 116 2.99 -14.73 -13.15
CA PHE C 116 3.11 -15.85 -14.07
C PHE C 116 2.13 -15.73 -15.23
N CYS C 117 0.90 -15.33 -14.94
CA CYS C 117 -0.14 -15.30 -15.97
C CYS C 117 0.11 -14.19 -16.98
N SER C 118 0.59 -13.03 -16.52
CA SER C 118 0.94 -11.98 -17.48
C SER C 118 2.14 -12.39 -18.32
N ALA C 119 3.11 -13.09 -17.74
CA ALA C 119 4.24 -13.54 -18.53
C ALA C 119 3.80 -14.55 -19.57
N LEU C 120 2.90 -15.45 -19.18
CA LEU C 120 2.47 -16.49 -20.10
C LEU C 120 1.59 -15.91 -21.21
N ALA C 121 0.76 -14.92 -20.86
CA ALA C 121 0.03 -14.19 -21.89
C ALA C 121 0.99 -13.56 -22.90
N ARG C 122 2.11 -12.97 -22.42
CA ARG C 122 3.06 -12.41 -23.36
C ARG C 122 3.75 -13.50 -24.18
N ALA C 123 4.03 -14.65 -23.59
CA ALA C 123 4.64 -15.73 -24.36
C ALA C 123 3.71 -16.19 -25.47
N LEU C 124 2.41 -16.25 -25.20
CA LEU C 124 1.45 -16.54 -26.25
C LEU C 124 1.48 -15.47 -27.34
N ARG C 125 1.60 -14.21 -26.95
CA ARG C 125 1.57 -13.12 -27.92
C ARG C 125 2.82 -13.14 -28.80
N ASP C 126 3.97 -13.47 -28.23
CA ASP C 126 5.24 -13.38 -28.90
C ASP C 126 5.56 -14.61 -29.73
N ASN C 127 4.55 -15.41 -30.08
CA ASN C 127 4.77 -16.52 -31.00
C ASN C 127 3.68 -16.68 -32.05
N LYS C 128 2.52 -16.04 -31.91
CA LYS C 128 1.56 -15.97 -33.01
C LYS C 128 1.85 -14.80 -33.94
N LYS C 129 2.43 -13.72 -33.42
CA LYS C 129 2.77 -12.55 -34.21
C LYS C 129 4.16 -12.68 -34.84
#